data_7CN6
#
_entry.id   7CN6
#
_cell.length_a   30.376
_cell.length_b   46.921
_cell.length_c   75.277
_cell.angle_alpha   90.000
_cell.angle_beta   93.082
_cell.angle_gamma   90.000
#
_symmetry.space_group_name_H-M   'P 1 21 1'
#
loop_
_entity.id
_entity.type
_entity.pdbx_description
1 polymer 'Protein spackle'
2 non-polymer 'CALCIUM ION'
3 water water
#
_entity_poly.entity_id   1
_entity_poly.type   'polypeptide(L)'
_entity_poly.pdbx_seq_one_letter_code
;GYDKDLCEWS(MSE)TADQTEVETQIEADI(MSE)NIVKRDRPE(MSE)KAEVQKQLKSGGV(MSE)QYNYVLYCDKNFN
NKNIIAEVVGE
;
_entity_poly.pdbx_strand_id   A,B,C
#
# COMPACT_ATOMS: atom_id res chain seq x y z
N GLY A 1 -4.73 8.06 -3.94
CA GLY A 1 -5.76 9.02 -4.27
C GLY A 1 -5.96 10.05 -3.17
N TYR A 2 -6.68 11.12 -3.48
CA TYR A 2 -6.93 12.19 -2.52
C TYR A 2 -8.41 12.52 -2.48
N ASP A 3 -8.94 12.64 -1.26
CA ASP A 3 -10.23 13.26 -1.03
C ASP A 3 -10.16 13.92 0.34
N LYS A 4 -10.59 15.18 0.41
CA LYS A 4 -10.40 15.97 1.63
C LYS A 4 -11.04 15.29 2.84
N ASP A 5 -12.29 14.87 2.70
CA ASP A 5 -13.00 14.28 3.85
C ASP A 5 -12.45 12.90 4.19
N LEU A 6 -12.17 12.07 3.18
CA LEU A 6 -11.58 10.77 3.45
C LEU A 6 -10.19 10.92 4.06
N CYS A 7 -9.41 11.89 3.57
CA CYS A 7 -8.09 12.14 4.14
C CYS A 7 -8.17 12.46 5.63
N GLU A 8 -9.08 13.37 6.00
CA GLU A 8 -9.21 13.75 7.40
C GLU A 8 -9.70 12.58 8.26
N TRP A 9 -10.69 11.83 7.77
CA TRP A 9 -11.19 10.68 8.52
C TRP A 9 -10.08 9.66 8.77
N SER A 10 -9.31 9.35 7.73
CA SER A 10 -8.27 8.33 7.84
C SER A 10 -7.16 8.73 8.82
N THR A 12 -7.78 10.76 11.59
CA THR A 12 -8.38 11.11 12.87
C THR A 12 -9.18 9.98 13.51
N ALA A 13 -9.77 9.09 12.72
CA ALA A 13 -10.61 8.04 13.28
C ALA A 13 -9.76 7.01 14.03
N ASP A 14 -10.45 6.13 14.75
CA ASP A 14 -9.79 5.08 15.52
C ASP A 14 -8.93 4.21 14.61
N GLN A 15 -7.78 3.77 15.13
CA GLN A 15 -6.82 3.02 14.32
C GLN A 15 -7.46 1.77 13.72
N THR A 16 -8.12 0.97 14.55
CA THR A 16 -8.75 -0.26 14.07
C THR A 16 -9.83 0.03 13.03
N GLU A 17 -10.55 1.14 13.21
CA GLU A 17 -11.59 1.52 12.25
C GLU A 17 -11.00 1.81 10.88
N VAL A 18 -9.93 2.59 10.84
CA VAL A 18 -9.29 2.92 9.57
C VAL A 18 -8.65 1.67 8.96
N GLU A 19 -8.01 0.85 9.78
CA GLU A 19 -7.36 -0.36 9.28
C GLU A 19 -8.37 -1.30 8.62
N THR A 20 -9.54 -1.45 9.23
CA THR A 20 -10.54 -2.35 8.67
C THR A 20 -11.05 -1.83 7.32
N GLN A 21 -11.23 -0.53 7.19
CA GLN A 21 -11.72 0.02 5.92
C GLN A 21 -10.64 0.02 4.85
N ILE A 22 -9.37 0.21 5.24
CA ILE A 22 -8.28 0.11 4.27
C ILE A 22 -8.26 -1.27 3.64
N GLU A 23 -8.40 -2.32 4.46
N GLU A 23 -8.38 -2.31 4.47
CA GLU A 23 -8.41 -3.68 3.93
CA GLU A 23 -8.42 -3.67 3.95
C GLU A 23 -9.59 -3.88 2.99
C GLU A 23 -9.59 -3.86 2.98
N ALA A 24 -10.77 -3.39 3.38
CA ALA A 24 -11.95 -3.53 2.52
C ALA A 24 -11.78 -2.75 1.22
N ASP A 25 -11.15 -1.57 1.29
CA ASP A 25 -10.93 -0.79 0.08
C ASP A 25 -9.97 -1.50 -0.86
N ILE A 26 -8.92 -2.12 -0.32
CA ILE A 26 -7.95 -2.81 -1.17
C ILE A 26 -8.58 -4.05 -1.80
N ASN A 28 -11.62 -4.54 -2.47
CA ASN A 28 -12.57 -4.11 -3.50
C ASN A 28 -11.85 -3.82 -4.81
N ILE A 29 -10.67 -3.21 -4.76
CA ILE A 29 -9.89 -2.99 -5.97
C ILE A 29 -9.40 -4.33 -6.53
N VAL A 30 -9.02 -5.25 -5.66
CA VAL A 30 -8.60 -6.58 -6.11
C VAL A 30 -9.75 -7.29 -6.81
N LYS A 31 -10.94 -7.24 -6.22
CA LYS A 31 -12.10 -7.89 -6.83
C LYS A 31 -12.38 -7.33 -8.22
N ARG A 32 -12.15 -6.04 -8.42
CA ARG A 32 -12.46 -5.40 -9.70
C ARG A 32 -11.37 -5.67 -10.75
N ASP A 33 -10.10 -5.61 -10.36
CA ASP A 33 -9.00 -5.61 -11.31
C ASP A 33 -8.23 -6.92 -11.39
N ARG A 34 -8.11 -7.66 -10.29
CA ARG A 34 -7.42 -8.96 -10.27
C ARG A 34 -8.19 -9.92 -9.38
N PRO A 35 -9.42 -10.27 -9.77
CA PRO A 35 -10.28 -11.04 -8.85
C PRO A 35 -9.70 -12.38 -8.43
N GLU A 36 -8.90 -13.03 -9.27
CA GLU A 36 -8.28 -14.29 -8.90
C GLU A 36 -7.16 -14.11 -7.87
N LYS A 38 -7.48 -12.66 -5.03
CA LYS A 38 -8.11 -12.35 -3.75
C LYS A 38 -7.39 -13.03 -2.59
N ALA A 39 -7.18 -14.34 -2.69
CA ALA A 39 -6.55 -15.07 -1.60
C ALA A 39 -5.10 -14.65 -1.40
N GLU A 40 -4.38 -14.39 -2.49
CA GLU A 40 -2.97 -14.03 -2.38
C GLU A 40 -2.80 -12.65 -1.75
N VAL A 41 -3.55 -11.66 -2.24
CA VAL A 41 -3.46 -10.32 -1.67
C VAL A 41 -3.89 -10.33 -0.21
N GLN A 42 -4.93 -11.09 0.11
CA GLN A 42 -5.37 -11.21 1.49
C GLN A 42 -4.26 -11.79 2.36
N LYS A 43 -3.49 -12.74 1.83
CA LYS A 43 -2.37 -13.29 2.58
C LYS A 43 -1.27 -12.26 2.78
N GLN A 44 -1.04 -11.41 1.77
CA GLN A 44 0.02 -10.41 1.88
C GLN A 44 -0.39 -9.27 2.81
N LEU A 45 -1.67 -8.89 2.79
CA LEU A 45 -2.14 -7.84 3.70
C LEU A 45 -2.01 -8.28 5.16
N LYS A 46 -2.26 -9.56 5.42
CA LYS A 46 -2.20 -10.06 6.80
C LYS A 46 -0.76 -10.11 7.30
N SER A 47 0.18 -10.48 6.43
CA SER A 47 1.57 -10.60 6.85
C SER A 47 2.29 -9.26 6.88
N GLY A 48 1.98 -8.37 5.94
CA GLY A 48 2.66 -7.09 5.83
C GLY A 48 1.94 -5.90 6.41
N GLY A 49 0.71 -6.07 6.89
CA GLY A 49 -0.06 -4.95 7.40
C GLY A 49 -0.62 -4.08 6.28
N VAL A 50 -1.53 -3.17 6.67
CA VAL A 50 -2.19 -2.31 5.69
C VAL A 50 -2.09 -0.85 6.10
N GLN A 52 0.34 0.95 6.56
CA GLN A 52 1.37 1.68 5.83
CA GLN A 52 1.38 1.64 5.80
C GLN A 52 0.80 2.36 4.59
N TYR A 53 -0.43 2.04 4.19
CA TYR A 53 -1.09 2.65 3.05
C TYR A 53 -2.07 3.73 3.49
N ASN A 54 -2.01 4.14 4.77
CA ASN A 54 -2.94 5.13 5.31
C ASN A 54 -2.88 6.43 4.51
N TYR A 55 -1.69 6.85 4.10
CA TYR A 55 -1.55 8.14 3.42
C TYR A 55 -1.84 8.03 1.93
N VAL A 56 -1.29 7.01 1.27
CA VAL A 56 -1.36 6.97 -0.18
C VAL A 56 -2.78 6.76 -0.69
N LEU A 57 -3.61 6.07 0.09
CA LEU A 57 -4.95 5.73 -0.40
C LEU A 57 -5.93 6.91 -0.31
N TYR A 58 -5.75 7.79 0.67
CA TYR A 58 -6.73 8.84 0.94
C TYR A 58 -6.17 10.25 0.91
N CYS A 59 -4.87 10.44 1.10
CA CYS A 59 -4.28 11.76 1.21
C CYS A 59 -3.31 12.11 0.09
N ASP A 60 -3.00 11.18 -0.81
CA ASP A 60 -1.93 11.37 -1.78
C ASP A 60 -2.52 11.75 -3.14
N LYS A 61 -2.35 13.01 -3.54
CA LYS A 61 -2.79 13.45 -4.85
C LYS A 61 -2.00 12.81 -5.97
N ASN A 62 -0.84 12.21 -5.67
CA ASN A 62 0.07 11.69 -6.68
C ASN A 62 0.15 10.17 -6.68
N PHE A 63 -0.76 9.48 -6.00
CA PHE A 63 -0.83 8.03 -6.02
C PHE A 63 -2.16 7.60 -6.63
N ASN A 64 -2.08 6.75 -7.66
CA ASN A 64 -3.26 6.16 -8.27
C ASN A 64 -3.59 4.87 -7.53
N ASN A 65 -4.77 4.83 -6.91
CA ASN A 65 -5.14 3.69 -6.07
C ASN A 65 -5.21 2.39 -6.85
N LYS A 66 -5.32 2.43 -8.18
CA LYS A 66 -5.29 1.22 -8.97
C LYS A 66 -3.96 0.48 -8.83
N ASN A 67 -2.89 1.18 -8.45
CA ASN A 67 -1.58 0.58 -8.32
C ASN A 67 -1.34 -0.04 -6.94
N ILE A 68 -2.39 -0.13 -6.11
CA ILE A 68 -2.20 -0.66 -4.76
C ILE A 68 -1.91 -2.15 -4.78
N ILE A 69 -2.42 -2.88 -5.77
CA ILE A 69 -2.16 -4.32 -5.84
C ILE A 69 -0.68 -4.57 -6.06
N ALA A 70 -0.07 -3.85 -7.02
CA ALA A 70 1.36 -4.00 -7.28
C ALA A 70 2.18 -3.59 -6.06
N GLU A 71 1.75 -2.54 -5.36
CA GLU A 71 2.45 -2.12 -4.15
C GLU A 71 2.42 -3.21 -3.09
N VAL A 72 1.28 -3.90 -2.96
CA VAL A 72 1.13 -4.89 -1.89
C VAL A 72 1.98 -6.12 -2.17
N VAL A 73 1.91 -6.63 -3.41
CA VAL A 73 2.56 -7.90 -3.73
C VAL A 73 4.04 -7.75 -4.09
N GLY A 74 4.51 -6.54 -4.38
CA GLY A 74 5.93 -6.33 -4.59
C GLY A 74 6.70 -6.41 -3.29
N GLU A 75 8.02 -6.49 -3.41
CA GLU A 75 8.87 -6.56 -2.23
C GLU A 75 8.91 -5.20 -1.54
N GLY B 1 -4.23 22.79 21.19
CA GLY B 1 -4.27 22.71 22.63
C GLY B 1 -3.81 23.99 23.29
N TYR B 2 -4.08 24.12 24.60
CA TYR B 2 -3.69 25.30 25.35
C TYR B 2 -2.93 24.87 26.60
N ASP B 3 -1.70 25.35 26.73
CA ASP B 3 -0.90 25.20 27.93
C ASP B 3 -0.31 26.58 28.22
N LYS B 4 -0.73 27.19 29.33
CA LYS B 4 -0.43 28.60 29.57
C LYS B 4 1.06 28.89 29.50
N ASP B 5 1.86 28.16 30.27
CA ASP B 5 3.29 28.45 30.30
C ASP B 5 3.98 28.00 29.00
N LEU B 6 3.56 26.87 28.45
CA LEU B 6 4.10 26.42 27.17
C LEU B 6 3.71 27.38 26.04
N CYS B 7 2.51 27.96 26.12
CA CYS B 7 2.10 28.99 25.18
C CYS B 7 3.04 30.17 25.19
N GLU B 8 3.35 30.68 26.40
CA GLU B 8 4.23 31.84 26.52
C GLU B 8 5.63 31.51 26.04
N TRP B 9 6.15 30.33 26.41
CA TRP B 9 7.50 29.95 25.99
C TRP B 9 7.59 29.83 24.48
N SER B 10 6.57 29.24 23.85
CA SER B 10 6.59 29.04 22.41
C SER B 10 6.57 30.34 21.63
N THR B 12 8.17 33.24 22.94
CA THR B 12 9.29 34.05 23.41
C THR B 12 10.65 33.38 23.21
N ALA B 13 10.72 32.06 23.22
CA ALA B 13 12.00 31.38 23.02
C ALA B 13 12.47 31.54 21.58
N ASP B 14 13.75 31.24 21.36
CA ASP B 14 14.32 31.36 20.02
C ASP B 14 13.61 30.41 19.06
N GLN B 15 13.55 30.81 17.79
CA GLN B 15 12.75 30.09 16.81
C GLN B 15 13.23 28.67 16.60
N THR B 16 14.55 28.44 16.70
CA THR B 16 15.07 27.09 16.51
C THR B 16 14.62 26.16 17.62
N GLU B 17 14.62 26.64 18.87
CA GLU B 17 14.21 25.80 19.98
C GLU B 17 12.72 25.48 19.91
N VAL B 18 11.90 26.47 19.54
CA VAL B 18 10.47 26.21 19.37
C VAL B 18 10.24 25.23 18.24
N GLU B 19 11.01 25.38 17.15
CA GLU B 19 10.91 24.46 16.02
C GLU B 19 11.15 23.02 16.45
N THR B 20 12.18 22.81 17.27
CA THR B 20 12.49 21.46 17.75
C THR B 20 11.39 20.92 18.64
N GLN B 21 10.80 21.80 19.48
CA GLN B 21 9.73 21.36 20.37
C GLN B 21 8.48 20.98 19.59
N ILE B 22 8.13 21.75 18.57
CA ILE B 22 6.94 21.45 17.78
C ILE B 22 7.09 20.10 17.07
N GLU B 23 8.27 19.85 16.50
CA GLU B 23 8.49 18.59 15.79
C GLU B 23 8.39 17.41 16.73
N ALA B 24 9.03 17.50 17.90
CA ALA B 24 8.99 16.40 18.86
C ALA B 24 7.58 16.18 19.38
N ASP B 25 6.81 17.25 19.58
CA ASP B 25 5.45 17.10 20.07
C ASP B 25 4.55 16.47 19.01
N ILE B 26 4.73 16.85 17.74
CA ILE B 26 3.92 16.26 16.68
C ILE B 26 4.27 14.79 16.49
N ASN B 28 5.43 12.75 18.65
CA ASN B 28 4.91 11.98 19.78
C ASN B 28 3.46 11.58 19.56
N ILE B 29 2.66 12.48 18.98
CA ILE B 29 1.28 12.14 18.65
C ILE B 29 1.24 11.11 17.53
N VAL B 30 2.15 11.22 16.56
CA VAL B 30 2.23 10.21 15.50
C VAL B 30 2.59 8.86 16.08
N LYS B 31 3.58 8.82 16.98
CA LYS B 31 3.96 7.56 17.60
C LYS B 31 2.82 6.93 18.38
N ARG B 32 1.92 7.75 18.90
CA ARG B 32 0.80 7.24 19.71
C ARG B 32 -0.36 6.80 18.84
N ASP B 33 -0.72 7.60 17.83
CA ASP B 33 -1.95 7.40 17.09
C ASP B 33 -1.77 6.82 15.69
N ARG B 34 -0.62 7.02 15.06
CA ARG B 34 -0.36 6.49 13.72
C ARG B 34 1.09 6.05 13.63
N PRO B 35 1.47 4.99 14.35
CA PRO B 35 2.90 4.61 14.41
C PRO B 35 3.50 4.25 13.07
N GLU B 36 2.69 3.72 12.14
CA GLU B 36 3.19 3.40 10.81
C GLU B 36 3.36 4.64 9.93
N LYS B 38 5.17 7.23 10.80
CA LYS B 38 6.34 7.95 11.31
C LYS B 38 7.18 8.52 10.16
N ALA B 39 7.52 7.69 9.19
CA ALA B 39 8.37 8.15 8.09
C ALA B 39 7.64 9.19 7.24
N GLU B 40 6.35 8.98 6.98
CA GLU B 40 5.61 9.88 6.11
C GLU B 40 5.46 11.26 6.75
N VAL B 41 5.08 11.31 8.03
CA VAL B 41 4.89 12.59 8.69
C VAL B 41 6.21 13.30 8.90
N GLN B 42 7.24 12.58 9.32
CA GLN B 42 8.56 13.19 9.51
C GLN B 42 9.07 13.80 8.23
N LYS B 43 8.84 13.13 7.09
CA LYS B 43 9.23 13.69 5.80
C LYS B 43 8.47 14.97 5.51
N GLN B 44 7.19 15.01 5.85
CA GLN B 44 6.37 16.19 5.56
C GLN B 44 6.66 17.33 6.53
N LEU B 45 7.07 17.03 7.76
CA LEU B 45 7.51 18.09 8.66
C LEU B 45 8.78 18.76 8.14
N LYS B 46 9.66 17.98 7.51
CA LYS B 46 10.88 18.54 6.96
C LYS B 46 10.60 19.37 5.72
N SER B 47 9.77 18.85 4.81
CA SER B 47 9.51 19.54 3.56
C SER B 47 8.54 20.71 3.74
N GLY B 48 7.62 20.63 4.70
CA GLY B 48 6.58 21.63 4.83
C GLY B 48 6.74 22.60 5.98
N GLY B 49 7.73 22.37 6.84
CA GLY B 49 7.94 23.21 8.00
C GLY B 49 6.96 22.87 9.13
N VAL B 50 7.24 23.44 10.31
CA VAL B 50 6.43 23.16 11.48
C VAL B 50 6.05 24.44 12.22
N GLN B 52 4.35 26.87 11.32
CA GLN B 52 2.96 27.26 11.08
C GLN B 52 2.01 26.68 12.12
N TYR B 53 2.47 25.75 12.95
CA TYR B 53 1.66 25.16 14.02
C TYR B 53 2.04 25.71 15.39
N ASN B 54 2.77 26.82 15.42
CA ASN B 54 3.22 27.41 16.68
C ASN B 54 2.04 27.82 17.56
N TYR B 55 0.96 28.31 16.95
CA TYR B 55 -0.17 28.80 17.74
C TYR B 55 -1.12 27.67 18.13
N VAL B 56 -1.49 26.82 17.17
CA VAL B 56 -2.57 25.86 17.41
C VAL B 56 -2.16 24.82 18.44
N LEU B 57 -0.88 24.49 18.54
CA LEU B 57 -0.48 23.41 19.42
C LEU B 57 -0.43 23.81 20.89
N TYR B 58 -0.16 25.09 21.18
CA TYR B 58 0.07 25.53 22.54
C TYR B 58 -0.82 26.67 23.00
N CYS B 59 -1.39 27.46 22.09
CA CYS B 59 -2.15 28.65 22.45
C CYS B 59 -3.63 28.58 22.09
N ASP B 60 -4.08 27.52 21.46
CA ASP B 60 -5.44 27.43 20.93
C ASP B 60 -6.27 26.49 21.81
N LYS B 61 -7.14 27.07 22.64
CA LYS B 61 -8.04 26.27 23.46
C LYS B 61 -9.00 25.44 22.63
N ASN B 62 -9.25 25.83 21.39
CA ASN B 62 -10.27 25.20 20.55
C ASN B 62 -9.69 24.28 19.49
N PHE B 63 -8.41 23.94 19.58
CA PHE B 63 -7.79 22.97 18.68
C PHE B 63 -7.32 21.77 19.50
N ASN B 64 -7.82 20.59 19.15
CA ASN B 64 -7.37 19.36 19.78
C ASN B 64 -6.14 18.86 19.04
N ASN B 65 -5.03 18.73 19.77
CA ASN B 65 -3.75 18.37 19.16
C ASN B 65 -3.78 16.99 18.52
N LYS B 66 -4.77 16.16 18.82
CA LYS B 66 -4.87 14.86 18.15
CA LYS B 66 -4.87 14.86 18.15
C LYS B 66 -5.10 15.02 16.66
N ASN B 67 -5.70 16.14 16.25
CA ASN B 67 -5.97 16.41 14.84
C ASN B 67 -4.77 16.98 14.09
N ILE B 68 -3.58 17.00 14.70
CA ILE B 68 -2.44 17.63 14.05
C ILE B 68 -1.93 16.78 12.90
N ILE B 69 -2.14 15.45 12.94
CA ILE B 69 -1.69 14.61 11.84
C ILE B 69 -2.48 14.91 10.58
N ALA B 70 -3.81 14.98 10.70
CA ALA B 70 -4.64 15.35 9.56
C ALA B 70 -4.31 16.73 9.04
N GLU B 71 -3.95 17.65 9.93
CA GLU B 71 -3.60 19.00 9.50
C GLU B 71 -2.32 19.02 8.68
N VAL B 72 -1.32 18.24 9.11
CA VAL B 72 -0.03 18.24 8.41
C VAL B 72 -0.18 17.63 7.01
N VAL B 73 -0.81 16.46 6.93
CA VAL B 73 -0.89 15.74 5.65
C VAL B 73 -2.04 16.21 4.78
N GLY B 74 -2.92 17.07 5.29
CA GLY B 74 -4.07 17.52 4.53
C GLY B 74 -3.73 18.39 3.33
N GLU B 75 -2.59 19.07 3.36
CA GLU B 75 -2.17 19.91 2.24
C GLU B 75 -0.68 19.73 1.94
N GLY C 1 8.70 -17.42 -10.01
CA GLY C 1 9.85 -16.55 -10.18
C GLY C 1 9.56 -15.12 -9.79
N TYR C 2 10.60 -14.33 -9.56
CA TYR C 2 10.44 -12.93 -9.21
C TYR C 2 11.25 -12.05 -10.15
N ASP C 3 10.58 -11.06 -10.73
CA ASP C 3 11.24 -10.00 -11.47
C ASP C 3 10.49 -8.71 -11.17
N LYS C 4 11.21 -7.70 -10.66
CA LYS C 4 10.56 -6.50 -10.16
C LYS C 4 9.68 -5.84 -11.22
N ASP C 5 10.22 -5.68 -12.43
CA ASP C 5 9.47 -5.01 -13.48
C ASP C 5 8.32 -5.88 -13.99
N LEU C 6 8.55 -7.18 -14.15
CA LEU C 6 7.47 -8.06 -14.57
C LEU C 6 6.39 -8.17 -13.49
N CYS C 7 6.80 -8.20 -12.22
CA CYS C 7 5.85 -8.22 -11.12
C CYS C 7 4.90 -7.03 -11.19
N GLU C 8 5.47 -5.84 -11.40
CA GLU C 8 4.63 -4.64 -11.45
C GLU C 8 3.76 -4.62 -12.70
N TRP C 9 4.31 -4.99 -13.86
CA TRP C 9 3.51 -5.04 -15.07
C TRP C 9 2.33 -6.00 -14.91
N SER C 10 2.56 -7.16 -14.30
CA SER C 10 1.53 -8.19 -14.23
C SER C 10 0.38 -7.79 -13.32
N THR C 12 -0.59 -4.41 -12.97
CA THR C 12 -1.09 -3.12 -13.40
C THR C 12 -1.64 -3.12 -14.82
N ALA C 13 -1.13 -3.97 -15.70
CA ALA C 13 -1.54 -3.95 -17.09
C ALA C 13 -2.96 -4.50 -17.25
N ASP C 14 -3.50 -4.31 -18.45
CA ASP C 14 -4.82 -4.82 -18.79
C ASP C 14 -4.91 -6.32 -18.55
N GLN C 15 -6.08 -6.77 -18.11
CA GLN C 15 -6.24 -8.16 -17.68
C GLN C 15 -6.01 -9.13 -18.84
N THR C 16 -6.56 -8.81 -20.02
CA THR C 16 -6.38 -9.68 -21.17
C THR C 16 -4.92 -9.67 -21.64
N GLU C 17 -4.25 -8.52 -21.53
CA GLU C 17 -2.84 -8.44 -21.90
C GLU C 17 -2.00 -9.37 -21.04
N VAL C 18 -2.24 -9.37 -19.73
CA VAL C 18 -1.49 -10.22 -18.82
C VAL C 18 -1.82 -11.69 -19.07
N GLU C 19 -3.10 -11.99 -19.27
CA GLU C 19 -3.52 -13.37 -19.51
C GLU C 19 -2.88 -13.93 -20.77
N THR C 20 -2.83 -13.12 -21.84
CA THR C 20 -2.23 -13.58 -23.08
C THR C 20 -0.75 -13.90 -22.91
N GLN C 21 -0.03 -13.07 -22.15
CA GLN C 21 1.40 -13.30 -21.96
C GLN C 21 1.66 -14.47 -21.02
N ILE C 22 0.82 -14.66 -20.01
CA ILE C 22 0.98 -15.82 -19.13
C ILE C 22 0.86 -17.11 -19.93
N GLU C 23 -0.15 -17.19 -20.80
CA GLU C 23 -0.32 -18.37 -21.63
CA GLU C 23 -0.32 -18.37 -21.63
C GLU C 23 0.90 -18.59 -22.51
N ALA C 24 1.40 -17.53 -23.14
CA ALA C 24 2.59 -17.65 -23.98
C ALA C 24 3.80 -18.09 -23.17
N ASP C 25 3.95 -17.57 -21.95
CA ASP C 25 5.07 -17.94 -21.12
C ASP C 25 5.01 -19.40 -20.73
N ILE C 26 3.82 -19.90 -20.38
CA ILE C 26 3.68 -21.30 -20.00
C ILE C 26 3.96 -22.22 -21.17
N ASN C 28 5.81 -21.67 -23.70
CA ASN C 28 7.24 -21.66 -24.01
C ASN C 28 8.02 -22.54 -23.03
N ILE C 29 7.59 -22.61 -21.78
CA ILE C 29 8.19 -23.56 -20.85
C ILE C 29 7.87 -24.99 -21.27
N VAL C 30 6.65 -25.22 -21.76
CA VAL C 30 6.27 -26.53 -22.27
C VAL C 30 7.13 -26.90 -23.48
N LYS C 31 7.32 -25.94 -24.40
CA LYS C 31 8.15 -26.19 -25.58
C LYS C 31 9.56 -26.62 -25.19
N ARG C 32 10.09 -26.09 -24.09
CA ARG C 32 11.46 -26.38 -23.69
C ARG C 32 11.55 -27.69 -22.91
N ASP C 33 10.66 -27.89 -21.94
CA ASP C 33 10.82 -28.97 -20.96
C ASP C 33 9.93 -30.18 -21.23
N ARG C 34 8.75 -30.00 -21.82
CA ARG C 34 7.84 -31.10 -22.12
C ARG C 34 7.19 -30.86 -23.47
N PRO C 35 7.97 -30.87 -24.54
CA PRO C 35 7.43 -30.46 -25.85
C PRO C 35 6.28 -31.31 -26.35
N GLU C 36 6.28 -32.61 -26.03
CA GLU C 36 5.22 -33.49 -26.48
CA GLU C 36 5.21 -33.50 -26.47
C GLU C 36 3.89 -33.25 -25.76
N LYS C 38 2.35 -30.26 -25.70
CA LYS C 38 1.84 -28.98 -26.17
C LYS C 38 0.31 -29.00 -26.26
N ALA C 39 -0.25 -30.07 -26.86
CA ALA C 39 -1.70 -30.14 -27.01
C ALA C 39 -2.39 -30.31 -25.67
N GLU C 40 -1.81 -31.09 -24.76
CA GLU C 40 -2.46 -31.36 -23.48
C GLU C 40 -2.47 -30.13 -22.59
N VAL C 41 -1.34 -29.43 -22.49
CA VAL C 41 -1.28 -28.25 -21.64
C VAL C 41 -2.13 -27.12 -22.22
N GLN C 42 -2.06 -26.94 -23.54
CA GLN C 42 -2.86 -25.89 -24.18
C GLN C 42 -4.35 -26.10 -23.91
N LYS C 43 -4.80 -27.34 -23.93
CA LYS C 43 -6.20 -27.63 -23.61
C LYS C 43 -6.50 -27.29 -22.16
N GLN C 44 -5.58 -27.58 -21.24
CA GLN C 44 -5.81 -27.32 -19.83
C GLN C 44 -5.71 -25.84 -19.48
N LEU C 45 -4.91 -25.08 -20.22
CA LEU C 45 -4.89 -23.63 -20.01
C LEU C 45 -6.22 -23.01 -20.44
N LYS C 46 -6.80 -23.51 -21.52
CA LYS C 46 -8.09 -23.00 -21.98
C LYS C 46 -9.22 -23.41 -21.03
N SER C 47 -9.17 -24.63 -20.51
CA SER C 47 -10.24 -25.14 -19.67
C SER C 47 -10.14 -24.62 -18.24
N GLY C 48 -8.93 -24.51 -17.70
CA GLY C 48 -8.73 -24.14 -16.31
C GLY C 48 -8.30 -22.72 -16.05
N GLY C 49 -8.04 -21.93 -17.09
CA GLY C 49 -7.58 -20.56 -16.91
C GLY C 49 -6.12 -20.49 -16.52
N VAL C 50 -5.59 -19.27 -16.54
CA VAL C 50 -4.16 -19.06 -16.25
C VAL C 50 -3.97 -17.90 -15.28
N GLN C 52 -4.81 -17.50 -12.38
CA GLN C 52 -4.45 -17.94 -11.05
C GLN C 52 -2.93 -18.04 -10.84
N TYR C 53 -2.16 -17.95 -11.92
CA TYR C 53 -0.70 -17.95 -11.85
C TYR C 53 -0.12 -16.56 -12.00
N ASN C 54 -0.95 -15.53 -11.80
CA ASN C 54 -0.50 -14.15 -11.94
C ASN C 54 0.63 -13.82 -10.98
N TYR C 55 0.59 -14.39 -9.77
CA TYR C 55 1.57 -14.06 -8.73
C TYR C 55 2.80 -14.95 -8.78
N VAL C 56 2.61 -16.26 -8.93
CA VAL C 56 3.73 -17.19 -8.78
C VAL C 56 4.75 -17.03 -9.90
N LEU C 57 4.32 -16.61 -11.09
CA LEU C 57 5.23 -16.56 -12.22
C LEU C 57 6.13 -15.32 -12.19
N TYR C 58 5.65 -14.21 -11.61
CA TYR C 58 6.36 -12.95 -11.71
C TYR C 58 6.70 -12.30 -10.38
N CYS C 59 5.98 -12.63 -9.30
CA CYS C 59 6.17 -11.95 -8.02
C CYS C 59 6.65 -12.85 -6.89
N ASP C 60 6.91 -14.13 -7.16
CA ASP C 60 7.18 -15.11 -6.12
C ASP C 60 8.62 -15.60 -6.23
N LYS C 61 9.46 -15.16 -5.29
CA LYS C 61 10.85 -15.60 -5.27
C LYS C 61 10.95 -17.10 -4.99
N ASN C 62 9.97 -17.67 -4.30
N ASN C 62 9.99 -17.67 -4.26
CA ASN C 62 10.03 -19.06 -3.84
CA ASN C 62 10.09 -19.07 -3.88
C ASN C 62 9.33 -20.02 -4.77
C ASN C 62 9.75 -19.99 -5.04
N PHE C 63 8.87 -19.57 -5.94
CA PHE C 63 8.33 -20.45 -6.96
C PHE C 63 9.29 -20.54 -8.14
N ASN C 64 9.69 -21.77 -8.47
CA ASN C 64 10.47 -22.04 -9.68
C ASN C 64 9.50 -22.20 -10.85
N ASN C 65 9.61 -21.32 -11.84
CA ASN C 65 8.68 -21.34 -12.96
C ASN C 65 8.76 -22.64 -13.76
N LYS C 66 9.85 -23.37 -13.64
CA LYS C 66 9.95 -24.68 -14.28
C LYS C 66 8.85 -25.62 -13.80
N ASN C 67 8.36 -25.42 -12.58
CA ASN C 67 7.34 -26.27 -12.00
C ASN C 67 5.93 -25.89 -12.40
N ILE C 68 5.76 -24.95 -13.34
CA ILE C 68 4.42 -24.50 -13.69
C ILE C 68 3.63 -25.59 -14.41
N ILE C 69 4.33 -26.49 -15.10
CA ILE C 69 3.63 -27.58 -15.79
C ILE C 69 2.99 -28.53 -14.78
N ALA C 70 3.77 -28.94 -13.77
CA ALA C 70 3.22 -29.79 -12.72
C ALA C 70 2.07 -29.11 -11.99
N GLU C 71 2.13 -27.78 -11.85
CA GLU C 71 1.05 -27.06 -11.19
CA GLU C 71 1.04 -27.08 -11.18
C GLU C 71 -0.24 -27.10 -12.02
N VAL C 72 -0.11 -26.90 -13.33
CA VAL C 72 -1.29 -26.87 -14.20
C VAL C 72 -1.98 -28.23 -14.23
N VAL C 73 -1.21 -29.29 -14.48
CA VAL C 73 -1.80 -30.61 -14.68
C VAL C 73 -2.01 -31.38 -13.38
N GLY C 74 -1.51 -30.89 -12.25
CA GLY C 74 -1.63 -31.61 -11.00
C GLY C 74 -3.02 -31.62 -10.40
N GLU C 75 -3.97 -30.90 -10.99
CA GLU C 75 -5.33 -30.84 -10.47
C GLU C 75 -6.28 -30.31 -11.54
#